data_8XFR
#
_entry.id   8XFR
#
_cell.length_a   121.584
_cell.length_b   121.584
_cell.length_c   117.617
_cell.angle_alpha   90.000
_cell.angle_beta   90.000
_cell.angle_gamma   120.000
#
_symmetry.space_group_name_H-M   'H 3'
#
loop_
_entity.id
_entity.type
_entity.pdbx_description
1 polymer 'mannuronan 5-epimerase'
2 branched 'beta-D-mannopyranuronic acid-(1-4)-beta-D-mannopyranuronic acid-(1-4)-beta-D-mannopyranuronic acid-(1-4)-beta-D-mannopyranuronic acid'
3 non-polymer 'CALCIUM ION'
4 non-polymer DI(HYDROXYETHYL)ETHER
5 non-polymer 'ACETATE ION'
6 non-polymer 'TETRAETHYLENE GLYCOL'
7 water water
#
_entity_poly.entity_id   1
_entity_poly.type   'polypeptide(L)'
_entity_poly.pdbx_seq_one_letter_code
;MDFDVKDFGAKGDGKSDDTEAIQAAIDAAYEAGGGTVRLSAGEYRVSGGDEASDGALMIKSNVYMDGAGMGETVI(MLY)
LVDGWDQKLTGIIRSKNGE(MLY)THDYGIRDLTLDGNQDNTEGEVDGFYTGYIPREDGADYNVTAERVEIREVSRYGFD
PHEQTINLTIRDSVAHNNG(MLY)DGFVGDFQIDSTFENNVSHDNGRHGFNIVTSSHDILLRDNVAYGNGANGLVVQRGS
EDIAHPYNIQIEGGAYHDNGAEGVLI(MLY)MTSNASLQGAEIYGNDAAGVRVRGVDGMQLLDNDIHDNAQGGGKAEIVL
EDYDDRDGVSGNYYETLNATVQGNRVAGAAQLLSSEGRDLLDGAAGNDLLDGGAGRDTLSGGGGADTFRFADRQDSFRNY
EGDTSRVDDIVDFTPGADLIDLSGLGYSGLGDGYNGTLALLLNEDGTKTYL(MLY)DRQADAQGNHFEIALDGNLVDSLS
ATDIAFDATQLELLGTTDLQTDQVA
;
_entity_poly.pdbx_strand_id   A
#
# COMPACT_ATOMS: atom_id res chain seq x y z
N MET A 1 22.45 33.27 -0.57
CA MET A 1 21.98 34.60 -0.96
C MET A 1 20.57 34.51 -1.54
N ASP A 2 19.71 35.49 -1.24
CA ASP A 2 18.30 35.43 -1.59
C ASP A 2 18.01 36.27 -2.83
N PHE A 3 17.21 35.70 -3.74
CA PHE A 3 16.94 36.28 -5.06
C PHE A 3 15.44 36.34 -5.30
N ASP A 4 14.95 37.50 -5.75
CA ASP A 4 13.56 37.68 -6.12
C ASP A 4 13.42 37.58 -7.64
N VAL A 5 12.40 36.86 -8.08
CA VAL A 5 12.20 36.65 -9.51
C VAL A 5 11.85 37.97 -10.21
N LYS A 6 11.07 38.82 -9.54
CA LYS A 6 10.68 40.10 -10.15
C LYS A 6 11.91 40.96 -10.46
N ASP A 7 12.98 40.82 -9.66
CA ASP A 7 14.24 41.49 -9.95
C ASP A 7 14.92 40.99 -11.22
N PHE A 8 14.48 39.86 -11.79
CA PHE A 8 15.02 39.34 -13.04
C PHE A 8 14.07 39.53 -14.21
N GLY A 9 13.01 40.31 -14.02
CA GLY A 9 12.05 40.59 -15.08
C GLY A 9 10.80 39.74 -15.04
N ALA A 10 10.63 38.88 -14.03
CA ALA A 10 9.41 38.09 -13.94
C ALA A 10 8.24 39.01 -13.60
N LYS A 11 7.14 38.85 -14.33
CA LYS A 11 5.97 39.70 -14.18
C LYS A 11 4.90 39.11 -13.26
N GLY A 12 4.67 37.81 -13.33
CA GLY A 12 3.59 37.20 -12.56
C GLY A 12 2.22 37.78 -12.87
N ASP A 13 1.94 38.04 -14.15
CA ASP A 13 0.70 38.68 -14.54
C ASP A 13 -0.33 37.73 -15.15
N GLY A 14 -0.04 36.43 -15.20
CA GLY A 14 -0.93 35.48 -15.84
C GLY A 14 -0.85 35.43 -17.35
N LYS A 15 -0.05 36.28 -17.98
CA LYS A 15 0.02 36.33 -19.44
C LYS A 15 1.44 36.21 -19.99
N SER A 16 2.41 36.87 -19.36
CA SER A 16 3.78 36.86 -19.87
C SER A 16 4.49 35.56 -19.51
N ASP A 17 5.32 35.09 -20.44
CA ASP A 17 6.14 33.89 -20.24
C ASP A 17 7.33 34.25 -19.35
N ASP A 18 7.25 33.86 -18.08
CA ASP A 18 8.25 34.17 -17.08
C ASP A 18 9.33 33.09 -16.94
N THR A 19 9.35 32.10 -17.85
CA THR A 19 10.25 30.95 -17.68
C THR A 19 11.71 31.40 -17.61
N GLU A 20 12.13 32.25 -18.55
CA GLU A 20 13.54 32.64 -18.58
C GLU A 20 13.90 33.46 -17.36
N ALA A 21 13.01 34.37 -16.94
CA ALA A 21 13.28 35.22 -15.80
C ALA A 21 13.38 34.40 -14.51
N ILE A 22 12.48 33.44 -14.32
CA ILE A 22 12.54 32.62 -13.11
C ILE A 22 13.77 31.73 -13.15
N GLN A 23 14.07 31.14 -14.31
CA GLN A 23 15.27 30.33 -14.44
C GLN A 23 16.53 31.16 -14.23
N ALA A 24 16.49 32.44 -14.60
CA ALA A 24 17.61 33.34 -14.33
C ALA A 24 17.83 33.47 -12.83
N ALA A 25 16.76 33.64 -12.05
CA ALA A 25 16.92 33.70 -10.61
C ALA A 25 17.47 32.39 -10.07
N ILE A 26 17.01 31.26 -10.62
CA ILE A 26 17.52 29.95 -10.21
C ILE A 26 19.02 29.89 -10.45
N ASP A 27 19.44 30.25 -11.67
CA ASP A 27 20.84 30.12 -12.04
C ASP A 27 21.72 31.08 -11.24
N ALA A 28 21.25 32.31 -11.02
CA ALA A 28 21.99 33.25 -10.16
C ALA A 28 22.12 32.70 -8.74
N ALA A 29 21.04 32.14 -8.20
CA ALA A 29 21.11 31.54 -6.86
C ALA A 29 22.06 30.34 -6.85
N TYR A 30 22.06 29.57 -7.93
CA TYR A 30 22.99 28.44 -8.03
C TYR A 30 24.44 28.91 -8.11
N GLU A 31 24.68 30.01 -8.83
CA GLU A 31 26.04 30.50 -8.98
C GLU A 31 26.59 31.09 -7.69
N ALA A 32 25.73 31.70 -6.87
CA ALA A 32 26.17 32.20 -5.57
C ALA A 32 26.52 31.07 -4.60
N GLY A 33 26.47 29.82 -5.03
CA GLY A 33 26.64 28.68 -4.15
C GLY A 33 25.38 28.22 -3.44
N GLY A 34 24.23 28.80 -3.76
CA GLY A 34 22.97 28.44 -3.12
C GLY A 34 22.22 29.66 -2.65
N GLY A 35 20.95 29.43 -2.32
CA GLY A 35 20.10 30.51 -1.85
C GLY A 35 18.64 30.21 -2.14
N THR A 36 17.81 31.16 -1.73
CA THR A 36 16.36 31.04 -1.87
C THR A 36 15.89 31.93 -3.00
N VAL A 37 15.12 31.36 -3.92
CA VAL A 37 14.48 32.11 -4.99
C VAL A 37 13.06 32.40 -4.51
N ARG A 38 12.75 33.68 -4.31
CA ARG A 38 11.46 34.09 -3.77
C ARG A 38 10.54 34.53 -4.90
N LEU A 39 9.25 34.20 -4.77
CA LEU A 39 8.22 34.60 -5.71
C LEU A 39 7.07 35.19 -4.91
N SER A 40 6.84 36.49 -5.07
CA SER A 40 5.68 37.12 -4.47
C SER A 40 4.40 36.58 -5.09
N ALA A 41 3.26 36.96 -4.50
CA ALA A 41 1.98 36.44 -4.98
C ALA A 41 1.74 36.86 -6.43
N GLY A 42 1.11 35.98 -7.18
CA GLY A 42 0.85 36.23 -8.60
C GLY A 42 0.92 34.95 -9.37
N GLU A 43 0.42 35.00 -10.61
CA GLU A 43 0.41 33.84 -11.47
C GLU A 43 1.48 33.98 -12.54
N TYR A 44 2.47 33.09 -12.50
CA TYR A 44 3.61 33.14 -13.41
C TYR A 44 3.43 32.09 -14.49
N ARG A 45 3.27 32.54 -15.73
CA ARG A 45 3.15 31.61 -16.83
C ARG A 45 4.52 31.07 -17.23
N VAL A 46 4.53 29.81 -17.65
CA VAL A 46 5.77 29.09 -17.91
C VAL A 46 5.59 28.18 -19.12
N SER A 47 6.67 27.99 -19.90
CA SER A 47 6.68 27.12 -21.07
C SER A 47 7.82 26.11 -20.98
N GLY A 48 7.75 25.08 -21.83
CA GLY A 48 8.72 24.01 -21.82
C GLY A 48 9.90 24.28 -22.74
N GLY A 49 10.71 23.26 -22.94
CA GLY A 49 11.89 23.35 -23.76
C GLY A 49 11.76 22.60 -25.07
N ASP A 50 12.90 22.25 -25.65
CA ASP A 50 12.89 21.47 -26.89
C ASP A 50 12.48 20.03 -26.64
N GLU A 51 12.98 19.44 -25.55
CA GLU A 51 12.73 18.04 -25.22
C GLU A 51 11.88 17.95 -23.95
N ALA A 52 11.19 16.81 -23.83
CA ALA A 52 10.37 16.57 -22.65
C ALA A 52 11.23 16.59 -21.38
N SER A 53 12.47 16.07 -21.48
CA SER A 53 13.39 16.04 -20.36
C SER A 53 13.87 17.43 -19.97
N ASP A 54 13.61 18.45 -20.77
CA ASP A 54 13.95 19.80 -20.33
C ASP A 54 12.97 20.32 -19.28
N GLY A 55 11.82 19.66 -19.11
CA GLY A 55 10.82 20.17 -18.19
C GLY A 55 10.39 21.58 -18.57
N ALA A 56 10.12 22.41 -17.55
CA ALA A 56 9.94 23.84 -17.75
C ALA A 56 10.94 24.67 -16.96
N LEU A 57 11.04 24.45 -15.66
CA LEU A 57 12.00 25.12 -14.79
C LEU A 57 12.97 24.07 -14.25
N MET A 58 14.27 24.37 -14.31
CA MET A 58 15.31 23.43 -13.88
C MET A 58 15.81 23.93 -12.52
N ILE A 59 15.39 23.26 -11.45
CA ILE A 59 15.93 23.61 -10.14
C ILE A 59 17.34 23.03 -10.04
N LYS A 60 18.18 23.65 -9.21
CA LYS A 60 19.59 23.28 -9.13
C LYS A 60 19.99 23.05 -7.68
N SER A 61 21.16 22.43 -7.51
CA SER A 61 21.65 22.09 -6.19
C SER A 61 21.73 23.33 -5.28
N ASN A 62 21.33 23.16 -4.02
CA ASN A 62 21.35 24.21 -2.98
C ASN A 62 20.42 25.38 -3.28
N VAL A 63 19.44 25.20 -4.17
CA VAL A 63 18.49 26.24 -4.54
C VAL A 63 17.11 25.83 -4.05
N TYR A 64 16.46 26.74 -3.33
CA TYR A 64 15.09 26.56 -2.85
C TYR A 64 14.19 27.65 -3.40
N MET A 65 12.99 27.28 -3.82
CA MET A 65 11.99 28.23 -4.29
C MET A 65 10.93 28.38 -3.21
N ASP A 66 10.78 29.61 -2.70
CA ASP A 66 9.77 29.94 -1.69
C ASP A 66 8.77 30.88 -2.31
N GLY A 67 7.53 30.45 -2.44
CA GLY A 67 6.46 31.31 -2.86
C GLY A 67 5.81 32.00 -1.68
N ALA A 68 4.70 32.70 -1.96
CA ALA A 68 3.92 33.42 -0.96
C ALA A 68 2.80 32.56 -0.35
N GLY A 69 2.70 31.29 -0.74
CA GLY A 69 1.65 30.42 -0.26
C GLY A 69 0.97 29.68 -1.41
N MET A 70 0.49 28.46 -1.10
CA MET A 70 -0.42 27.78 -2.02
C MET A 70 -1.60 28.67 -2.37
N GLY A 71 -1.91 28.74 -3.67
CA GLY A 71 -2.94 29.64 -4.14
C GLY A 71 -2.42 31.04 -4.41
N GLU A 72 -1.56 31.56 -3.52
CA GLU A 72 -1.03 32.91 -3.69
C GLU A 72 -0.02 32.98 -4.83
N THR A 73 0.94 32.05 -4.87
CA THR A 73 1.93 31.95 -5.92
C THR A 73 1.60 30.73 -6.77
N VAL A 74 1.28 30.96 -8.04
CA VAL A 74 0.89 29.91 -8.97
C VAL A 74 1.82 29.95 -10.17
N ILE A 75 2.44 28.81 -10.47
CA ILE A 75 3.24 28.66 -11.68
C ILE A 75 2.43 27.81 -12.64
N LEU A 77 1.37 26.43 -16.59
CA LEU A 77 1.84 26.17 -17.95
C LEU A 77 1.09 27.05 -18.93
N VAL A 78 1.80 27.62 -19.92
CA VAL A 78 1.16 28.50 -20.89
C VAL A 78 0.03 27.76 -21.61
N ASP A 79 -0.96 28.53 -22.03
CA ASP A 79 -1.98 28.01 -22.94
C ASP A 79 -1.32 27.53 -24.23
N GLY A 80 -1.84 26.43 -24.77
CA GLY A 80 -1.47 25.99 -26.09
C GLY A 80 -0.24 25.12 -26.18
N TRP A 81 0.45 24.87 -25.07
CA TRP A 81 1.61 23.99 -25.12
C TRP A 81 1.17 22.60 -25.55
N ASP A 82 1.89 21.99 -26.49
CA ASP A 82 1.45 20.73 -27.08
C ASP A 82 2.57 19.68 -27.09
N GLN A 83 3.47 19.73 -26.12
CA GLN A 83 4.59 18.81 -26.08
C GLN A 83 4.66 18.17 -24.71
N LYS A 84 4.92 16.86 -24.69
CA LYS A 84 5.13 16.17 -23.41
C LYS A 84 6.19 16.91 -22.62
N LEU A 85 5.90 17.19 -21.36
CA LEU A 85 6.75 18.01 -20.50
C LEU A 85 6.92 17.29 -19.16
N THR A 86 8.13 16.81 -18.89
CA THR A 86 8.42 15.95 -17.74
C THR A 86 8.99 16.80 -16.60
N GLY A 87 8.08 17.44 -15.87
CA GLY A 87 8.42 18.24 -14.70
C GLY A 87 8.33 19.74 -14.93
N ILE A 88 7.20 20.36 -14.56
CA ILE A 88 7.12 21.82 -14.61
C ILE A 88 8.25 22.43 -13.78
N ILE A 89 8.55 21.84 -12.61
CA ILE A 89 9.82 22.03 -11.93
C ILE A 89 10.52 20.67 -11.86
N ARG A 90 11.80 20.63 -12.22
CA ARG A 90 12.52 19.37 -12.28
C ARG A 90 14.00 19.60 -12.09
N SER A 91 14.68 18.55 -11.66
CA SER A 91 16.13 18.50 -11.66
C SER A 91 16.62 17.87 -12.97
N LYS A 92 17.90 18.10 -13.26
CA LYS A 92 18.47 17.69 -14.53
C LYS A 92 18.69 16.17 -14.55
N ASN A 93 18.30 15.55 -15.66
CA ASN A 93 18.68 14.17 -15.93
C ASN A 93 20.21 14.05 -16.00
N GLY A 94 20.75 13.03 -15.34
CA GLY A 94 22.18 12.81 -15.39
C GLY A 94 23.00 13.66 -14.46
N GLU A 95 22.36 14.42 -13.59
CA GLU A 95 23.07 15.14 -12.55
C GLU A 95 22.49 14.66 -11.22
N THR A 97 21.42 15.92 -8.34
CA THR A 97 21.03 17.23 -7.80
C THR A 97 20.64 17.07 -6.35
N HIS A 98 21.07 17.97 -5.47
CA HIS A 98 20.95 17.73 -4.05
C HIS A 98 20.66 19.02 -3.28
N ASP A 99 20.03 18.86 -2.12
CA ASP A 99 19.78 19.97 -1.18
C ASP A 99 19.01 21.10 -1.84
N TYR A 100 17.92 20.75 -2.49
CA TYR A 100 17.03 21.69 -3.15
C TYR A 100 15.59 21.41 -2.75
N GLY A 101 14.71 22.35 -3.05
CA GLY A 101 13.34 22.16 -2.68
C GLY A 101 12.48 23.30 -3.15
N ILE A 102 11.17 23.10 -2.96
CA ILE A 102 10.15 24.07 -3.28
C ILE A 102 9.23 24.18 -2.07
N ARG A 103 8.71 25.39 -1.82
CA ARG A 103 7.83 25.69 -0.69
C ARG A 103 6.77 26.71 -1.08
N ASP A 104 5.57 26.55 -0.51
CA ASP A 104 4.52 27.57 -0.50
C ASP A 104 4.23 28.11 -1.89
N LEU A 105 3.87 27.21 -2.80
CA LEU A 105 3.54 27.64 -4.14
C LEU A 105 2.66 26.57 -4.77
N THR A 106 2.02 26.96 -5.88
CA THR A 106 1.13 26.09 -6.64
C THR A 106 1.72 25.86 -8.02
N LEU A 107 1.76 24.59 -8.45
CA LEU A 107 2.05 24.24 -9.84
C LEU A 107 0.75 23.85 -10.51
N ASP A 108 0.41 24.55 -11.60
CA ASP A 108 -0.82 24.35 -12.35
C ASP A 108 -0.45 23.89 -13.76
N GLY A 109 -0.84 22.66 -14.10
CA GLY A 109 -0.48 22.12 -15.40
C GLY A 109 -1.38 22.51 -16.54
N ASN A 110 -2.49 23.20 -16.27
CA ASN A 110 -3.31 23.81 -17.32
C ASN A 110 -3.71 22.79 -18.39
N GLN A 111 -4.20 21.62 -17.95
CA GLN A 111 -4.49 20.54 -18.91
C GLN A 111 -5.69 20.86 -19.78
N ASP A 112 -6.61 21.72 -19.31
CA ASP A 112 -7.74 22.09 -20.15
C ASP A 112 -7.31 22.79 -21.43
N ASN A 113 -6.25 23.60 -21.37
CA ASN A 113 -5.79 24.39 -22.51
C ASN A 113 -4.42 23.98 -23.03
N THR A 114 -4.03 22.72 -22.80
CA THR A 114 -2.78 22.15 -23.30
C THR A 114 -3.04 20.71 -23.71
N GLU A 115 -2.09 20.14 -24.46
CA GLU A 115 -2.15 18.73 -24.77
C GLU A 115 -0.75 18.14 -24.64
N GLY A 116 -0.69 16.90 -24.16
CA GLY A 116 0.57 16.21 -23.94
C GLY A 116 0.72 15.81 -22.49
N GLU A 117 1.48 14.76 -22.20
CA GLU A 117 1.65 14.32 -20.83
C GLU A 117 2.52 15.28 -20.05
N VAL A 118 2.00 15.82 -18.96
CA VAL A 118 2.69 16.81 -18.16
C VAL A 118 2.78 16.27 -16.73
N ASP A 119 3.96 16.36 -16.14
CA ASP A 119 4.18 16.00 -14.74
C ASP A 119 4.60 17.25 -13.99
N GLY A 120 4.16 17.37 -12.74
CA GLY A 120 4.39 18.59 -11.99
C GLY A 120 5.80 18.78 -11.45
N PHE A 121 6.25 17.87 -10.59
CA PHE A 121 7.55 17.96 -9.93
C PHE A 121 8.30 16.66 -10.20
N TYR A 122 9.46 16.74 -10.87
CA TYR A 122 10.19 15.55 -11.30
C TYR A 122 11.61 15.60 -10.77
N THR A 123 12.09 14.49 -10.20
CA THR A 123 13.41 14.42 -9.59
C THR A 123 14.10 13.14 -10.05
N GLY A 124 15.40 13.03 -9.78
CA GLY A 124 16.10 11.80 -10.03
C GLY A 124 17.30 11.99 -10.95
N TYR A 125 17.97 10.88 -11.23
CA TYR A 125 19.27 10.95 -11.89
C TYR A 125 19.21 10.32 -13.28
N ILE A 126 19.13 8.99 -13.39
CA ILE A 126 19.08 8.33 -14.70
C ILE A 126 18.37 7.00 -14.55
N PRO A 127 17.27 6.77 -15.25
CA PRO A 127 16.59 5.47 -15.16
C PRO A 127 17.56 4.31 -15.39
N ARG A 128 17.50 3.32 -14.49
CA ARG A 128 18.25 2.07 -14.55
C ARG A 128 19.75 2.24 -14.37
N GLU A 129 20.22 3.40 -13.91
CA GLU A 129 21.63 3.57 -13.57
C GLU A 129 21.77 3.88 -12.09
N ASP A 130 22.94 3.55 -11.54
CA ASP A 130 23.25 3.92 -10.17
C ASP A 130 23.41 5.43 -10.07
N GLY A 131 22.99 6.00 -8.94
CA GLY A 131 23.12 7.44 -8.76
C GLY A 131 21.78 7.96 -8.33
N ALA A 132 21.78 9.10 -7.62
CA ALA A 132 20.56 9.62 -7.04
C ALA A 132 20.63 11.13 -6.86
N ASP A 133 19.46 11.79 -6.99
CA ASP A 133 19.26 13.05 -6.30
C ASP A 133 19.19 12.76 -4.80
N TYR A 134 19.42 13.78 -3.97
CA TYR A 134 19.22 13.54 -2.54
C TYR A 134 18.94 14.84 -1.79
N ASN A 135 18.35 14.70 -0.59
CA ASN A 135 17.99 15.81 0.28
C ASN A 135 17.10 16.80 -0.47
N VAL A 136 15.89 16.34 -0.75
CA VAL A 136 14.92 17.07 -1.57
C VAL A 136 13.70 17.34 -0.72
N THR A 137 13.18 18.57 -0.78
CA THR A 137 12.09 18.97 0.10
C THR A 137 10.99 19.63 -0.72
N ALA A 138 9.76 19.19 -0.53
CA ALA A 138 8.58 19.95 -0.96
C ALA A 138 7.72 20.15 0.27
N GLU A 139 7.41 21.41 0.57
CA GLU A 139 6.71 21.78 1.78
C GLU A 139 5.59 22.72 1.42
N ARG A 140 4.36 22.38 1.80
CA ARG A 140 3.18 23.20 1.53
C ARG A 140 3.10 23.59 0.06
N VAL A 141 3.20 22.59 -0.81
CA VAL A 141 3.14 22.78 -2.26
C VAL A 141 1.83 22.18 -2.75
N GLU A 142 1.19 22.87 -3.69
CA GLU A 142 -0.01 22.38 -4.34
C GLU A 142 0.31 22.14 -5.81
N ILE A 143 0.00 20.94 -6.30
CA ILE A 143 0.14 20.63 -7.71
C ILE A 143 -1.21 20.16 -8.23
N ARG A 144 -1.69 20.81 -9.30
CA ARG A 144 -3.03 20.57 -9.78
C ARG A 144 -3.05 20.66 -11.30
N GLU A 145 -4.03 20.00 -11.90
CA GLU A 145 -4.36 20.14 -13.32
C GLU A 145 -3.19 19.79 -14.24
N VAL A 146 -2.19 19.01 -13.77
CA VAL A 146 -1.26 18.42 -14.72
C VAL A 146 -1.96 17.24 -15.38
N SER A 147 -1.60 16.97 -16.64
CA SER A 147 -2.29 15.91 -17.35
C SER A 147 -1.87 14.52 -16.89
N ARG A 148 -0.65 14.34 -16.33
CA ARG A 148 -0.37 13.00 -15.81
C ARG A 148 -0.07 12.95 -14.31
N TYR A 149 1.17 13.20 -13.87
CA TYR A 149 1.58 12.90 -12.50
C TYR A 149 1.89 14.21 -11.81
N GLY A 150 1.23 14.48 -10.67
CA GLY A 150 1.50 15.75 -10.01
C GLY A 150 2.87 15.81 -9.34
N PHE A 151 3.02 15.15 -8.17
CA PHE A 151 4.35 14.98 -7.57
C PHE A 151 4.91 13.70 -8.17
N ASP A 152 6.04 13.80 -8.87
CA ASP A 152 6.60 12.65 -9.59
C ASP A 152 8.09 12.48 -9.32
N PRO A 153 8.53 12.48 -8.05
CA PRO A 153 9.94 12.24 -7.78
C PRO A 153 10.34 10.86 -8.26
N HIS A 154 11.54 10.76 -8.83
CA HIS A 154 11.84 9.67 -9.74
C HIS A 154 13.22 9.08 -9.47
N GLU A 155 13.57 8.07 -10.27
CA GLU A 155 14.67 7.16 -9.97
C GLU A 155 16.02 7.85 -10.14
N GLN A 156 16.94 7.69 -9.17
CA GLN A 156 16.68 7.45 -7.76
C GLN A 156 16.67 8.80 -7.01
N THR A 157 15.93 8.89 -5.90
CA THR A 157 16.01 10.04 -5.01
C THR A 157 16.08 9.52 -3.56
N ILE A 158 17.06 9.99 -2.81
CA ILE A 158 17.26 9.61 -1.42
C ILE A 158 16.90 10.79 -0.54
N ASN A 159 16.18 10.53 0.55
CA ASN A 159 15.74 11.56 1.50
C ASN A 159 14.97 12.66 0.79
N LEU A 160 13.92 12.23 0.11
CA LEU A 160 12.88 13.13 -0.35
C LEU A 160 11.91 13.28 0.79
N THR A 161 11.53 14.53 1.09
CA THR A 161 10.47 14.84 2.03
C THR A 161 9.42 15.65 1.29
N ILE A 162 8.19 15.17 1.30
CA ILE A 162 7.05 15.98 0.87
C ILE A 162 6.10 16.01 2.03
N ARG A 163 5.87 17.21 2.61
CA ARG A 163 4.95 17.34 3.72
C ARG A 163 3.99 18.51 3.52
N ASP A 164 2.81 18.36 4.11
CA ASP A 164 1.77 19.40 4.17
C ASP A 164 1.43 19.92 2.79
N SER A 165 1.49 19.04 1.80
CA SER A 165 1.26 19.38 0.40
C SER A 165 -0.04 18.75 -0.09
N VAL A 166 -0.49 19.17 -1.28
CA VAL A 166 -1.74 18.72 -1.88
C VAL A 166 -1.54 18.49 -3.37
N ALA A 167 -2.03 17.35 -3.87
CA ALA A 167 -2.15 17.08 -5.29
C ALA A 167 -3.60 16.79 -5.62
N HIS A 168 -4.17 17.54 -6.55
CA HIS A 168 -5.57 17.30 -6.86
C HIS A 168 -5.84 17.59 -8.32
N ASN A 169 -6.85 16.90 -8.84
CA ASN A 169 -7.36 17.14 -10.18
C ASN A 169 -6.27 17.00 -11.23
N ASN A 170 -5.38 16.05 -10.99
CA ASN A 170 -4.39 15.67 -11.99
C ASN A 170 -4.90 14.47 -12.74
N GLY A 171 -4.44 14.32 -13.98
CA GLY A 171 -4.97 13.32 -14.89
C GLY A 171 -4.69 11.87 -14.55
N ASP A 173 -1.83 10.11 -11.45
CA ASP A 173 -1.57 9.96 -10.00
C ASP A 173 -1.17 11.28 -9.35
N GLY A 174 -1.77 11.59 -8.21
CA GLY A 174 -1.40 12.82 -7.52
C GLY A 174 0.02 12.80 -6.99
N PHE A 175 0.42 11.68 -6.38
CA PHE A 175 1.78 11.43 -5.89
C PHE A 175 2.26 10.11 -6.45
N VAL A 176 3.43 10.10 -7.06
CA VAL A 176 4.15 8.88 -7.41
C VAL A 176 5.49 8.92 -6.71
N GLY A 177 5.84 7.86 -5.99
CA GLY A 177 7.20 7.75 -5.52
C GLY A 177 7.94 6.67 -6.27
N ASP A 178 8.77 7.05 -7.25
CA ASP A 178 9.36 6.09 -8.17
C ASP A 178 10.83 5.93 -7.79
N PHE A 179 11.21 4.74 -7.28
CA PHE A 179 12.56 4.48 -6.73
C PHE A 179 13.00 5.61 -5.80
N GLN A 180 12.15 5.89 -4.83
CA GLN A 180 12.47 6.74 -3.70
C GLN A 180 13.08 5.90 -2.59
N ILE A 181 14.07 6.45 -1.88
CA ILE A 181 14.83 5.73 -0.88
C ILE A 181 14.89 6.59 0.37
N ASP A 182 14.59 5.99 1.54
CA ASP A 182 14.82 6.69 2.83
C ASP A 182 14.12 8.04 2.83
N SER A 183 12.84 8.03 2.48
CA SER A 183 12.07 9.23 2.13
C SER A 183 10.77 9.25 2.93
N THR A 184 10.12 10.42 2.94
CA THR A 184 9.02 10.68 3.84
C THR A 184 7.93 11.43 3.10
N PHE A 185 6.71 10.91 3.16
CA PHE A 185 5.52 11.62 2.71
C PHE A 185 4.67 11.80 3.97
N GLU A 186 4.53 13.03 4.47
CA GLU A 186 3.85 13.23 5.75
C GLU A 186 2.80 14.33 5.63
N ASN A 187 1.62 14.06 6.19
CA ASN A 187 0.49 14.99 6.29
C ASN A 187 0.16 15.64 4.93
N ASN A 188 0.07 14.81 3.90
CA ASN A 188 -0.31 15.27 2.59
C ASN A 188 -1.76 14.87 2.30
N VAL A 189 -2.36 15.55 1.32
CA VAL A 189 -3.70 15.22 0.82
C VAL A 189 -3.61 15.04 -0.70
N SER A 190 -4.11 13.92 -1.21
CA SER A 190 -4.15 13.67 -2.66
C SER A 190 -5.57 13.31 -3.01
N HIS A 191 -6.25 14.15 -3.77
CA HIS A 191 -7.68 13.93 -3.96
C HIS A 191 -8.12 14.29 -5.37
N ASP A 192 -9.14 13.57 -5.83
CA ASP A 192 -9.79 13.83 -7.13
C ASP A 192 -8.81 13.83 -8.29
N ASN A 193 -7.84 12.92 -8.22
CA ASN A 193 -6.98 12.69 -9.36
C ASN A 193 -7.57 11.59 -10.25
N GLY A 194 -7.13 11.57 -11.50
CA GLY A 194 -7.64 10.61 -12.47
C GLY A 194 -7.42 9.17 -12.05
N ARG A 195 -6.22 8.83 -11.59
CA ARG A 195 -6.09 7.45 -11.12
C ARG A 195 -5.79 7.30 -9.62
N HIS A 196 -4.54 7.37 -9.15
CA HIS A 196 -4.23 7.02 -7.77
C HIS A 196 -4.02 8.29 -6.96
N GLY A 197 -4.36 8.22 -5.68
CA GLY A 197 -3.90 9.22 -4.74
C GLY A 197 -2.37 9.22 -4.61
N PHE A 198 -1.85 8.09 -4.14
CA PHE A 198 -0.42 7.87 -3.95
C PHE A 198 -0.05 6.55 -4.59
N ASN A 199 1.12 6.49 -5.21
CA ASN A 199 1.58 5.32 -5.96
C ASN A 199 3.07 5.18 -5.68
N ILE A 200 3.43 4.23 -4.80
CA ILE A 200 4.83 3.96 -4.46
C ILE A 200 5.27 2.74 -5.25
N VAL A 201 6.32 2.87 -6.07
CA VAL A 201 6.58 1.92 -7.16
C VAL A 201 8.07 1.94 -7.50
N THR A 202 8.51 0.94 -8.29
CA THR A 202 9.87 0.89 -8.84
C THR A 202 10.92 0.85 -7.73
N SER A 203 10.90 -0.22 -6.93
CA SER A 203 12.01 -0.54 -6.03
C SER A 203 12.18 0.44 -4.86
N SER A 204 11.24 1.36 -4.66
CA SER A 204 11.30 2.28 -3.52
C SER A 204 11.45 1.54 -2.19
N HIS A 205 12.23 2.08 -1.25
CA HIS A 205 12.38 1.35 -0.02
C HIS A 205 12.72 2.28 1.12
N ASP A 206 12.37 1.85 2.33
CA ASP A 206 12.48 2.64 3.56
C ASP A 206 11.71 3.95 3.40
N ILE A 207 10.41 3.81 3.25
CA ILE A 207 9.50 4.92 3.00
C ILE A 207 8.55 5.01 4.18
N LEU A 208 8.35 6.23 4.68
CA LEU A 208 7.35 6.50 5.70
C LEU A 208 6.23 7.29 5.04
N LEU A 209 4.99 6.81 5.17
CA LEU A 209 3.81 7.50 4.67
C LEU A 209 2.92 7.73 5.89
N ARG A 210 3.07 8.91 6.50
CA ARG A 210 2.50 9.20 7.81
C ARG A 210 1.43 10.27 7.67
N ASP A 211 0.23 9.94 8.17
CA ASP A 211 -0.90 10.87 8.27
C ASP A 211 -1.28 11.46 6.92
N ASN A 212 -1.15 10.66 5.85
CA ASN A 212 -1.61 11.11 4.54
C ASN A 212 -3.08 10.77 4.37
N VAL A 213 -3.74 11.52 3.49
CA VAL A 213 -5.17 11.43 3.20
C VAL A 213 -5.34 11.37 1.68
N ALA A 214 -6.13 10.40 1.22
CA ALA A 214 -6.43 10.29 -0.21
C ALA A 214 -7.91 9.96 -0.36
N TYR A 215 -8.63 10.78 -1.13
CA TYR A 215 -10.05 10.57 -1.34
C TYR A 215 -10.45 11.01 -2.73
N GLY A 216 -11.53 10.41 -3.22
CA GLY A 216 -12.11 10.80 -4.50
C GLY A 216 -11.25 10.54 -5.72
N ASN A 217 -10.21 9.72 -5.61
CA ASN A 217 -9.40 9.39 -6.77
C ASN A 217 -10.06 8.28 -7.57
N GLY A 218 -9.76 8.24 -8.88
CA GLY A 218 -10.41 7.28 -9.77
C GLY A 218 -10.01 5.83 -9.52
N ALA A 219 -8.89 5.60 -8.86
CA ALA A 219 -8.33 4.27 -8.64
C ALA A 219 -7.96 4.21 -7.14
N ASN A 220 -6.81 3.64 -6.80
CA ASN A 220 -6.48 3.44 -5.38
C ASN A 220 -6.29 4.77 -4.61
N GLY A 221 -6.66 4.78 -3.33
CA GLY A 221 -6.17 5.83 -2.45
C GLY A 221 -4.64 5.79 -2.33
N LEU A 222 -4.10 4.63 -2.03
CA LEU A 222 -2.66 4.43 -1.99
C LEU A 222 -2.37 3.06 -2.60
N VAL A 223 -1.40 2.98 -3.50
CA VAL A 223 -0.95 1.67 -3.98
C VAL A 223 0.55 1.60 -3.82
N VAL A 224 1.02 0.48 -3.31
CA VAL A 224 2.43 0.16 -3.16
C VAL A 224 2.66 -1.09 -3.99
N GLN A 225 3.57 -1.02 -4.97
CA GLN A 225 3.63 -2.08 -5.98
C GLN A 225 5.01 -2.15 -6.63
N ARG A 226 5.29 -3.31 -7.21
CA ARG A 226 6.54 -3.48 -7.97
C ARG A 226 6.51 -2.66 -9.25
N GLY A 227 5.36 -2.60 -9.89
CA GLY A 227 5.24 -2.00 -11.21
C GLY A 227 5.36 -3.05 -12.28
N SER A 228 5.44 -2.59 -13.52
CA SER A 228 5.25 -3.48 -14.66
C SER A 228 6.52 -4.15 -15.13
N GLU A 229 7.67 -3.87 -14.55
CA GLU A 229 8.90 -4.47 -15.01
C GLU A 229 9.45 -5.45 -13.98
N ASP A 230 10.29 -6.37 -14.47
CA ASP A 230 10.92 -7.40 -13.65
C ASP A 230 12.11 -6.80 -12.90
N ILE A 231 11.84 -6.06 -11.82
CA ILE A 231 12.90 -5.38 -11.04
C ILE A 231 12.67 -5.69 -9.57
N ALA A 232 13.65 -5.30 -8.73
CA ALA A 232 13.52 -5.49 -7.28
C ALA A 232 12.24 -4.87 -6.75
N HIS A 233 11.56 -5.62 -5.89
CA HIS A 233 10.33 -5.17 -5.27
C HIS A 233 10.62 -4.04 -4.28
N PRO A 234 9.64 -3.18 -4.04
CA PRO A 234 9.75 -2.24 -2.92
C PRO A 234 9.79 -3.00 -1.61
N TYR A 235 10.34 -2.36 -0.57
CA TYR A 235 10.38 -3.01 0.74
C TYR A 235 10.56 -1.95 1.83
N ASN A 236 10.23 -2.32 3.06
CA ASN A 236 10.28 -1.42 4.22
C ASN A 236 9.40 -0.18 3.97
N ILE A 237 8.11 -0.41 3.86
CA ILE A 237 7.15 0.63 3.56
C ILE A 237 6.25 0.71 4.76
N GLN A 238 6.30 1.82 5.47
CA GLN A 238 5.52 1.97 6.70
C GLN A 238 4.43 3.01 6.49
N ILE A 239 3.17 2.57 6.53
CA ILE A 239 2.02 3.44 6.36
C ILE A 239 1.37 3.62 7.73
N GLU A 240 1.30 4.88 8.18
CA GLU A 240 0.96 5.25 9.56
C GLU A 240 -0.12 6.32 9.53
N GLY A 241 -1.27 6.01 10.12
CA GLY A 241 -2.34 6.99 10.27
C GLY A 241 -2.95 7.42 8.95
N GLY A 242 -3.63 8.55 9.00
CA GLY A 242 -4.28 9.11 7.84
C GLY A 242 -5.60 8.45 7.52
N ALA A 243 -6.06 8.70 6.30
CA ALA A 243 -7.40 8.30 5.90
C ALA A 243 -7.39 8.05 4.39
N TYR A 244 -7.85 6.88 3.97
CA TYR A 244 -7.91 6.49 2.56
C TYR A 244 -9.36 6.15 2.31
N HIS A 245 -10.10 7.08 1.68
CA HIS A 245 -11.55 6.95 1.67
C HIS A 245 -12.15 7.43 0.37
N ASP A 246 -13.25 6.78 -0.04
CA ASP A 246 -14.09 7.23 -1.16
C ASP A 246 -13.30 7.28 -2.47
N ASN A 247 -12.49 6.25 -2.72
CA ASN A 247 -11.74 6.16 -3.96
C ASN A 247 -12.40 5.12 -4.86
N GLY A 248 -12.06 5.17 -6.15
CA GLY A 248 -12.69 4.34 -7.19
C GLY A 248 -12.31 2.88 -7.19
N ALA A 249 -11.30 2.47 -6.41
CA ALA A 249 -10.81 1.08 -6.28
C ALA A 249 -10.57 0.85 -4.79
N GLU A 250 -9.58 0.03 -4.45
CA GLU A 250 -9.26 -0.22 -3.06
C GLU A 250 -8.74 1.04 -2.38
N GLY A 251 -9.05 1.19 -1.09
CA GLY A 251 -8.45 2.28 -0.32
C GLY A 251 -6.93 2.18 -0.28
N VAL A 252 -6.41 1.03 0.13
CA VAL A 252 -4.97 0.77 0.13
C VAL A 252 -4.73 -0.57 -0.52
N LEU A 253 -3.82 -0.61 -1.49
CA LEU A 253 -3.45 -1.82 -2.21
C LEU A 253 -1.95 -1.98 -2.09
N ILE A 254 -1.51 -3.15 -1.62
CA ILE A 254 -0.09 -3.42 -1.47
C ILE A 254 0.18 -4.74 -2.17
N MET A 256 3.34 -7.32 -4.30
CA MET A 256 4.77 -7.59 -4.59
C MET A 256 5.72 -6.63 -3.89
N THR A 257 5.60 -6.60 -2.58
CA THR A 257 6.35 -5.71 -1.68
C THR A 257 6.82 -6.58 -0.52
N SER A 258 7.96 -6.26 0.10
CA SER A 258 8.39 -6.95 1.31
C SER A 258 8.37 -6.00 2.50
N ASN A 259 7.99 -6.52 3.67
CA ASN A 259 8.00 -5.75 4.93
CA ASN A 259 8.00 -5.76 4.93
C ASN A 259 7.22 -4.43 4.82
N ALA A 260 5.93 -4.56 4.59
CA ALA A 260 5.03 -3.42 4.56
C ALA A 260 4.18 -3.41 5.81
N SER A 261 3.78 -2.21 6.23
CA SER A 261 3.02 -2.05 7.45
C SER A 261 1.94 -1.00 7.19
N LEU A 262 0.72 -1.29 7.62
CA LEU A 262 -0.37 -0.32 7.53
C LEU A 262 -1.02 -0.26 8.91
N GLN A 263 -0.88 0.89 9.60
CA GLN A 263 -1.28 0.96 11.00
C GLN A 263 -2.04 2.25 11.32
N GLY A 264 -3.15 2.12 12.02
CA GLY A 264 -3.86 3.28 12.56
C GLY A 264 -4.52 4.17 11.53
N ALA A 265 -4.84 3.66 10.34
CA ALA A 265 -5.51 4.44 9.31
C ALA A 265 -7.03 4.28 9.39
N GLU A 266 -7.72 5.28 8.85
CA GLU A 266 -9.16 5.17 8.67
C GLU A 266 -9.44 4.90 7.19
N ILE A 267 -10.22 3.85 6.90
CA ILE A 267 -10.36 3.37 5.52
C ILE A 267 -11.81 3.01 5.26
N TYR A 268 -12.49 3.80 4.41
CA TYR A 268 -13.94 3.70 4.30
C TYR A 268 -14.43 4.25 2.97
N GLY A 269 -15.62 3.80 2.58
CA GLY A 269 -16.32 4.35 1.43
C GLY A 269 -15.67 4.10 0.09
N ASN A 270 -14.66 3.24 0.04
CA ASN A 270 -14.01 2.91 -1.23
C ASN A 270 -14.89 1.94 -2.04
N ASP A 271 -14.73 1.97 -3.36
CA ASP A 271 -15.55 1.13 -4.23
C ASP A 271 -15.15 -0.34 -4.13
N ALA A 272 -13.88 -0.62 -3.94
CA ALA A 272 -13.39 -1.99 -3.78
C ALA A 272 -13.07 -2.25 -2.30
N ALA A 273 -12.32 -3.34 -2.04
CA ALA A 273 -11.93 -3.64 -0.66
C ALA A 273 -11.25 -2.43 -0.03
N GLY A 274 -11.45 -2.26 1.26
CA GLY A 274 -10.69 -1.26 1.98
C GLY A 274 -9.19 -1.48 1.90
N VAL A 275 -8.74 -2.73 2.15
CA VAL A 275 -7.31 -3.07 2.12
C VAL A 275 -7.17 -4.34 1.30
N ARG A 276 -6.22 -4.35 0.37
CA ARG A 276 -5.98 -5.50 -0.46
C ARG A 276 -4.47 -5.73 -0.51
N VAL A 277 -4.07 -6.96 -0.22
CA VAL A 277 -2.67 -7.35 -0.07
C VAL A 277 -2.47 -8.54 -1.01
N ARG A 278 -1.57 -8.42 -1.97
CA ARG A 278 -1.38 -9.44 -2.98
C ARG A 278 0.08 -9.78 -3.05
N GLY A 279 0.44 -10.98 -2.59
CA GLY A 279 1.83 -11.42 -2.71
C GLY A 279 2.81 -10.53 -1.96
N VAL A 280 2.56 -10.31 -0.67
CA VAL A 280 3.38 -9.44 0.15
C VAL A 280 4.09 -10.31 1.17
N ASP A 281 5.43 -10.20 1.22
CA ASP A 281 6.26 -10.94 2.18
C ASP A 281 6.59 -10.07 3.38
N GLY A 282 5.82 -10.25 4.44
CA GLY A 282 5.97 -9.44 5.64
C GLY A 282 4.92 -8.36 5.57
N MET A 283 3.79 -8.57 6.23
CA MET A 283 2.67 -7.64 6.15
C MET A 283 2.14 -7.43 7.56
N GLN A 284 2.11 -6.17 8.00
CA GLN A 284 1.54 -5.85 9.30
C GLN A 284 0.35 -4.93 9.09
N LEU A 285 -0.82 -5.36 9.55
CA LEU A 285 -2.07 -4.63 9.37
C LEU A 285 -2.67 -4.48 10.76
N LEU A 286 -2.39 -3.35 11.40
CA LEU A 286 -2.67 -3.20 12.83
C LEU A 286 -3.51 -1.97 13.09
N ASP A 287 -4.54 -2.14 13.92
CA ASP A 287 -5.21 -1.03 14.62
C ASP A 287 -5.80 -0.03 13.63
N ASN A 288 -6.37 -0.54 12.55
CA ASN A 288 -7.01 0.30 11.56
C ASN A 288 -8.51 0.29 11.76
N ASP A 289 -9.15 1.29 11.19
CA ASP A 289 -10.59 1.49 11.27
C ASP A 289 -11.15 1.32 9.85
N ILE A 290 -11.79 0.18 9.57
CA ILE A 290 -12.11 -0.22 8.21
C ILE A 290 -13.60 -0.51 8.10
N HIS A 291 -14.32 0.26 7.28
CA HIS A 291 -15.78 0.09 7.22
C HIS A 291 -16.33 0.66 5.92
N ASP A 292 -17.50 0.15 5.54
CA ASP A 292 -18.27 0.69 4.41
C ASP A 292 -17.47 0.77 3.13
N ASN A 293 -16.67 -0.26 2.87
CA ASN A 293 -15.97 -0.38 1.60
C ASN A 293 -16.73 -1.31 0.69
N ALA A 294 -16.11 -1.71 -0.41
CA ALA A 294 -16.78 -2.51 -1.46
C ALA A 294 -18.08 -1.84 -1.90
N GLN A 295 -18.06 -0.51 -2.04
CA GLN A 295 -19.26 0.21 -2.47
C GLN A 295 -19.63 -0.12 -3.93
N GLY A 296 -18.67 -0.55 -4.74
CA GLY A 296 -18.92 -0.88 -6.12
C GLY A 296 -19.27 -2.33 -6.34
N GLY A 297 -19.54 -3.06 -5.27
CA GLY A 297 -19.62 -4.49 -5.28
C GLY A 297 -18.39 -5.14 -4.65
N GLY A 298 -18.55 -6.39 -4.27
CA GLY A 298 -17.43 -7.09 -3.67
C GLY A 298 -17.83 -7.53 -2.28
N LYS A 299 -17.16 -8.54 -1.74
CA LYS A 299 -17.67 -9.19 -0.55
C LYS A 299 -16.79 -9.00 0.67
N ALA A 300 -15.70 -8.24 0.56
CA ALA A 300 -14.65 -8.27 1.57
C ALA A 300 -14.21 -6.85 1.88
N GLU A 301 -14.13 -6.52 3.17
CA GLU A 301 -13.44 -5.29 3.58
C GLU A 301 -11.93 -5.42 3.46
N ILE A 302 -11.39 -6.60 3.74
CA ILE A 302 -9.96 -6.87 3.71
C ILE A 302 -9.70 -8.12 2.87
N VAL A 303 -8.75 -8.05 1.95
CA VAL A 303 -8.40 -9.17 1.08
C VAL A 303 -6.90 -9.40 1.21
N LEU A 304 -6.51 -10.55 1.72
CA LEU A 304 -5.13 -11.02 1.64
C LEU A 304 -5.11 -12.17 0.64
N GLU A 305 -4.20 -12.12 -0.34
CA GLU A 305 -4.14 -13.16 -1.36
C GLU A 305 -2.72 -13.18 -1.89
N ASP A 306 -2.46 -14.14 -2.78
CA ASP A 306 -1.15 -14.23 -3.42
C ASP A 306 -1.11 -13.33 -4.65
N TYR A 307 0.07 -13.22 -5.29
CA TYR A 307 0.16 -12.59 -6.60
C TYR A 307 0.86 -13.56 -7.54
N ASP A 308 0.10 -14.15 -8.45
CA ASP A 308 0.65 -15.11 -9.41
C ASP A 308 1.19 -14.35 -10.61
N ASP A 309 2.51 -14.19 -10.70
CA ASP A 309 3.12 -13.54 -11.86
C ASP A 309 3.77 -14.54 -12.82
N ARG A 310 3.32 -15.80 -12.79
CA ARG A 310 4.00 -16.81 -13.61
C ARG A 310 3.79 -16.54 -15.10
N ASP A 311 2.63 -16.00 -15.47
CA ASP A 311 2.41 -15.61 -16.86
C ASP A 311 2.88 -14.20 -17.17
N GLY A 312 3.46 -13.50 -16.20
CA GLY A 312 3.89 -12.12 -16.34
C GLY A 312 5.38 -12.00 -16.62
N VAL A 313 5.94 -10.83 -16.30
CA VAL A 313 7.32 -10.56 -16.70
C VAL A 313 8.32 -11.35 -15.85
N SER A 314 8.00 -11.62 -14.59
CA SER A 314 8.98 -12.32 -13.76
C SER A 314 8.92 -13.84 -13.87
N GLY A 315 7.76 -14.43 -14.18
CA GLY A 315 7.69 -15.90 -14.16
C GLY A 315 7.54 -16.50 -12.78
N ASN A 316 7.32 -15.67 -11.77
CA ASN A 316 7.30 -16.11 -10.39
C ASN A 316 5.88 -16.09 -9.82
N TYR A 317 5.68 -16.96 -8.83
CA TYR A 317 4.50 -16.95 -7.97
C TYR A 317 4.90 -16.32 -6.64
N TYR A 318 4.18 -15.28 -6.21
CA TYR A 318 4.52 -14.57 -4.96
C TYR A 318 3.44 -14.84 -3.92
N GLU A 319 3.81 -15.52 -2.84
CA GLU A 319 2.88 -15.76 -1.74
C GLU A 319 2.85 -14.58 -0.79
N THR A 320 1.69 -14.35 -0.17
CA THR A 320 1.67 -13.50 1.01
C THR A 320 2.18 -14.37 2.17
N LEU A 321 3.14 -13.83 2.92
CA LEU A 321 3.87 -14.56 3.96
C LEU A 321 4.02 -13.63 5.15
N ASN A 322 4.26 -14.20 6.32
CA ASN A 322 4.69 -13.42 7.48
C ASN A 322 3.75 -12.26 7.76
N ALA A 323 2.46 -12.60 7.92
CA ALA A 323 1.38 -11.64 8.10
C ALA A 323 1.00 -11.54 9.57
N THR A 324 0.79 -10.31 10.02
CA THR A 324 0.29 -10.00 11.36
C THR A 324 -0.88 -9.06 11.20
N VAL A 325 -2.09 -9.51 11.55
CA VAL A 325 -3.32 -8.76 11.36
C VAL A 325 -4.00 -8.74 12.72
N GLN A 326 -3.89 -7.62 13.45
CA GLN A 326 -4.40 -7.52 14.81
C GLN A 326 -4.97 -6.13 15.07
N GLY A 327 -5.96 -6.09 15.95
CA GLY A 327 -6.45 -4.84 16.50
C GLY A 327 -7.33 -4.04 15.58
N ASN A 328 -7.69 -4.57 14.42
CA ASN A 328 -8.49 -3.80 13.48
C ASN A 328 -9.95 -3.83 13.88
N ARG A 329 -10.62 -2.71 13.70
CA ARG A 329 -12.07 -2.70 13.64
C ARG A 329 -12.44 -2.82 12.17
N VAL A 330 -13.28 -3.81 11.85
CA VAL A 330 -13.60 -4.12 10.46
C VAL A 330 -15.08 -4.44 10.41
N ALA A 331 -15.86 -3.55 9.80
CA ALA A 331 -17.32 -3.72 9.76
C ALA A 331 -17.72 -4.47 8.47
N GLY A 332 -17.27 -5.70 8.38
CA GLY A 332 -17.45 -6.50 7.19
C GLY A 332 -16.41 -7.60 7.17
N ALA A 333 -16.43 -8.38 6.09
CA ALA A 333 -15.69 -9.63 6.09
C ALA A 333 -14.22 -9.43 5.75
N ALA A 334 -13.36 -10.15 6.48
CA ALA A 334 -11.92 -10.14 6.22
C ALA A 334 -11.50 -11.50 5.68
N GLN A 335 -10.86 -11.52 4.52
CA GLN A 335 -10.25 -12.73 3.97
C GLN A 335 -8.77 -12.74 4.31
N LEU A 336 -8.37 -13.53 5.30
CA LEU A 336 -7.01 -13.50 5.81
C LEU A 336 -6.37 -14.86 5.51
N LEU A 337 -5.61 -14.90 4.40
CA LEU A 337 -4.94 -16.10 3.92
C LEU A 337 -3.44 -15.83 3.92
N SER A 338 -2.67 -16.76 4.44
CA SER A 338 -1.21 -16.65 4.38
C SER A 338 -0.62 -18.03 4.13
N SER A 339 0.71 -18.13 4.17
CA SER A 339 1.42 -19.32 3.71
CA SER A 339 1.42 -19.31 3.72
C SER A 339 2.52 -19.64 4.73
N GLU A 340 3.55 -20.37 4.27
CA GLU A 340 4.61 -20.91 5.12
C GLU A 340 5.16 -19.85 6.11
N GLY A 341 5.46 -20.30 7.33
CA GLY A 341 5.89 -19.41 8.39
C GLY A 341 4.73 -19.06 9.34
N ARG A 342 5.08 -18.40 10.43
CA ARG A 342 4.11 -18.12 11.49
C ARG A 342 3.31 -16.88 11.14
N ASP A 343 1.99 -17.02 11.08
CA ASP A 343 1.09 -15.89 10.90
C ASP A 343 0.22 -15.73 12.13
N LEU A 344 -0.15 -14.49 12.43
CA LEU A 344 -1.10 -14.15 13.49
C LEU A 344 -2.26 -13.41 12.82
N LEU A 345 -3.40 -14.07 12.69
CA LEU A 345 -4.52 -13.55 11.91
C LEU A 345 -5.73 -13.41 12.82
N ASP A 346 -6.16 -12.18 13.07
CA ASP A 346 -7.32 -11.89 13.90
C ASP A 346 -8.37 -11.28 12.99
N GLY A 347 -9.54 -11.91 12.92
CA GLY A 347 -10.67 -11.28 12.29
C GLY A 347 -11.31 -10.26 13.23
N ALA A 348 -12.43 -9.69 12.80
CA ALA A 348 -13.14 -8.64 13.55
C ALA A 348 -14.63 -8.96 13.45
N ALA A 349 -15.48 -7.93 13.53
CA ALA A 349 -16.93 -8.12 13.66
C ALA A 349 -17.55 -8.89 12.50
N GLY A 350 -16.91 -8.97 11.34
CA GLY A 350 -17.50 -9.61 10.18
C GLY A 350 -17.40 -11.13 10.22
N ASN A 351 -17.97 -11.77 9.19
CA ASN A 351 -17.92 -13.21 9.01
C ASN A 351 -16.68 -13.51 8.18
N ASP A 352 -15.58 -13.83 8.85
CA ASP A 352 -14.26 -13.86 8.24
C ASP A 352 -13.83 -15.26 7.83
N LEU A 353 -12.92 -15.32 6.87
CA LEU A 353 -12.26 -16.56 6.45
C LEU A 353 -10.79 -16.47 6.84
N LEU A 354 -10.31 -17.44 7.63
CA LEU A 354 -8.94 -17.42 8.12
C LEU A 354 -8.21 -18.69 7.72
N ASP A 355 -7.04 -18.53 7.12
CA ASP A 355 -6.21 -19.67 6.74
C ASP A 355 -4.77 -19.23 6.83
N GLY A 356 -4.07 -19.71 7.85
CA GLY A 356 -2.65 -19.39 7.89
C GLY A 356 -1.75 -20.26 7.02
N GLY A 357 -2.27 -21.28 6.32
CA GLY A 357 -1.37 -22.03 5.45
C GLY A 357 -0.36 -22.85 6.25
N ALA A 358 0.80 -23.14 5.64
CA ALA A 358 1.81 -23.89 6.35
C ALA A 358 2.36 -23.08 7.52
N GLY A 359 3.01 -23.78 8.47
CA GLY A 359 3.58 -23.14 9.64
C GLY A 359 2.63 -23.05 10.83
N ARG A 360 3.19 -22.65 11.97
CA ARG A 360 2.44 -22.55 13.22
C ARG A 360 1.74 -21.21 13.31
N ASP A 361 0.42 -21.21 13.09
CA ASP A 361 -0.33 -19.97 13.03
C ASP A 361 -1.26 -19.86 14.23
N THR A 362 -1.51 -18.62 14.64
CA THR A 362 -2.49 -18.35 15.68
C THR A 362 -3.62 -17.54 15.05
N LEU A 363 -4.84 -18.05 15.16
CA LEU A 363 -6.00 -17.47 14.48
C LEU A 363 -7.08 -17.13 15.49
N SER A 364 -7.76 -16.02 15.25
CA SER A 364 -8.94 -15.72 16.04
C SER A 364 -9.99 -15.11 15.13
N GLY A 365 -11.25 -15.41 15.41
CA GLY A 365 -12.31 -14.91 14.57
C GLY A 365 -12.87 -13.57 15.02
N GLY A 366 -12.82 -13.27 16.33
CA GLY A 366 -13.59 -12.11 16.75
C GLY A 366 -15.09 -12.36 16.63
N GLY A 367 -15.84 -11.27 16.58
CA GLY A 367 -17.29 -11.36 16.50
C GLY A 367 -17.73 -12.03 15.20
N GLY A 368 -19.01 -12.34 15.11
CA GLY A 368 -19.54 -12.95 13.91
C GLY A 368 -19.19 -14.43 13.74
N ALA A 369 -19.58 -14.98 12.60
CA ALA A 369 -19.44 -16.39 12.32
C ALA A 369 -18.27 -16.58 11.37
N ASP A 370 -17.19 -17.18 11.86
CA ASP A 370 -15.93 -17.25 11.12
C ASP A 370 -15.59 -18.68 10.75
N THR A 371 -15.01 -18.84 9.56
CA THR A 371 -14.55 -20.11 9.04
C THR A 371 -13.03 -20.14 9.15
N PHE A 372 -12.51 -21.13 9.89
CA PHE A 372 -11.08 -21.42 9.96
C PHE A 372 -10.80 -22.57 9.01
N ARG A 373 -10.10 -22.29 7.93
CA ARG A 373 -9.84 -23.30 6.92
C ARG A 373 -8.45 -23.92 7.09
N PHE A 374 -8.39 -25.24 6.98
CA PHE A 374 -7.14 -25.99 6.92
C PHE A 374 -7.17 -26.74 5.62
N ALA A 375 -6.38 -26.26 4.67
CA ALA A 375 -6.42 -26.75 3.29
C ALA A 375 -5.55 -27.96 3.05
N ASP A 376 -4.65 -28.31 3.98
CA ASP A 376 -3.63 -29.31 3.76
C ASP A 376 -3.30 -29.94 5.11
N ARG A 377 -3.12 -31.26 5.14
CA ARG A 377 -2.81 -31.93 6.40
C ARG A 377 -1.48 -31.47 6.98
N GLN A 378 -0.58 -30.94 6.16
CA GLN A 378 0.70 -30.46 6.62
C GLN A 378 0.65 -28.98 7.03
N ASP A 379 -0.53 -28.39 7.10
CA ASP A 379 -0.60 -27.00 7.51
C ASP A 379 -0.69 -26.83 9.02
N SER A 380 -0.95 -27.91 9.75
CA SER A 380 -1.06 -27.88 11.21
C SER A 380 -0.81 -29.30 11.66
N PHE A 381 0.35 -29.56 12.29
CA PHE A 381 0.79 -30.94 12.52
C PHE A 381 1.82 -31.02 13.64
N ARG A 382 1.92 -32.22 14.21
CA ARG A 382 2.95 -32.62 15.17
C ARG A 382 3.73 -33.80 14.59
N ASN A 383 5.08 -33.77 14.72
CA ASN A 383 6.00 -34.67 14.00
C ASN A 383 6.38 -35.89 14.84
N TYR A 384 7.28 -36.74 14.29
CA TYR A 384 7.62 -38.01 14.94
C TYR A 384 8.25 -37.80 16.33
N GLU A 385 9.18 -36.84 16.46
CA GLU A 385 9.78 -36.50 17.75
C GLU A 385 8.77 -35.89 18.74
N GLY A 386 7.51 -35.69 18.34
CA GLY A 386 6.54 -34.99 19.17
C GLY A 386 6.67 -33.49 19.16
N ASP A 387 7.36 -32.92 18.17
CA ASP A 387 7.59 -31.48 18.09
C ASP A 387 6.23 -30.81 17.88
N THR A 388 5.64 -30.34 18.99
CA THR A 388 4.29 -29.78 19.00
C THR A 388 4.20 -28.44 18.32
N SER A 389 5.34 -27.81 18.03
CA SER A 389 5.26 -26.66 17.17
C SER A 389 4.86 -27.12 15.77
N ARG A 390 4.51 -26.16 14.93
CA ARG A 390 3.79 -26.36 13.68
C ARG A 390 2.32 -26.75 13.92
N VAL A 391 1.84 -26.78 15.16
CA VAL A 391 0.41 -26.95 15.42
C VAL A 391 -0.26 -25.58 15.56
N ASP A 392 -1.22 -25.30 14.69
CA ASP A 392 -2.01 -24.07 14.78
C ASP A 392 -2.85 -24.05 16.05
N ASP A 393 -3.14 -22.84 16.57
CA ASP A 393 -4.15 -22.72 17.61
C ASP A 393 -5.18 -21.65 17.25
N ILE A 394 -6.45 -21.98 17.48
CA ILE A 394 -7.57 -21.06 17.29
C ILE A 394 -7.93 -20.48 18.64
N VAL A 395 -7.90 -19.15 18.75
CA VAL A 395 -7.97 -18.50 20.05
C VAL A 395 -9.38 -18.58 20.63
N ASP A 396 -10.40 -18.37 19.80
CA ASP A 396 -11.74 -18.02 20.30
C ASP A 396 -12.83 -18.79 19.56
N PHE A 397 -12.62 -20.07 19.32
CA PHE A 397 -13.61 -20.81 18.54
C PHE A 397 -14.93 -20.83 19.29
N THR A 398 -16.01 -20.52 18.56
CA THR A 398 -17.33 -20.41 19.17
C THR A 398 -18.24 -21.50 18.63
N PRO A 399 -18.47 -22.59 19.38
CA PRO A 399 -19.32 -23.67 18.85
C PRO A 399 -20.72 -23.15 18.57
N GLY A 400 -21.30 -23.61 17.46
CA GLY A 400 -22.58 -23.11 17.00
C GLY A 400 -22.52 -21.82 16.23
N ALA A 401 -21.39 -21.10 16.24
CA ALA A 401 -21.19 -19.89 15.44
C ALA A 401 -20.10 -20.07 14.40
N ASP A 402 -18.90 -20.43 14.82
CA ASP A 402 -17.77 -20.55 13.91
C ASP A 402 -17.78 -21.92 13.24
N LEU A 403 -16.89 -22.08 12.26
CA LEU A 403 -16.75 -23.34 11.52
C LEU A 403 -15.29 -23.65 11.24
N ILE A 404 -14.90 -24.91 11.43
CA ILE A 404 -13.61 -25.46 11.02
C ILE A 404 -13.80 -26.14 9.67
N ASP A 405 -13.19 -25.57 8.62
CA ASP A 405 -13.31 -26.12 7.27
C ASP A 405 -12.14 -27.09 7.03
N LEU A 406 -12.44 -28.38 7.15
CA LEU A 406 -11.52 -29.45 6.81
C LEU A 406 -11.95 -30.15 5.53
N SER A 407 -12.76 -29.50 4.71
CA SER A 407 -13.39 -30.18 3.58
C SER A 407 -12.37 -30.69 2.56
N GLY A 408 -11.18 -30.13 2.52
CA GLY A 408 -10.23 -30.72 1.60
C GLY A 408 -9.33 -31.79 2.19
N LEU A 409 -9.54 -32.23 3.43
CA LEU A 409 -8.54 -33.09 4.07
C LEU A 409 -8.87 -34.57 4.00
N GLY A 410 -10.10 -34.95 3.64
CA GLY A 410 -10.42 -36.37 3.54
C GLY A 410 -10.59 -37.11 4.86
N TYR A 411 -10.92 -36.42 5.95
CA TYR A 411 -11.42 -37.08 7.15
C TYR A 411 -12.92 -37.29 7.04
N SER A 412 -13.42 -38.38 7.64
CA SER A 412 -14.84 -38.71 7.54
C SER A 412 -15.68 -38.05 8.64
N GLY A 413 -15.13 -37.85 9.83
CA GLY A 413 -15.89 -37.25 10.91
C GLY A 413 -15.12 -37.36 12.21
N LEU A 414 -15.80 -37.00 13.29
CA LEU A 414 -15.22 -37.21 14.61
C LEU A 414 -15.18 -38.70 14.92
N GLY A 415 -14.22 -39.10 15.75
CA GLY A 415 -14.10 -40.48 16.15
C GLY A 415 -12.98 -40.71 17.14
N ASP A 416 -12.29 -41.85 17.03
CA ASP A 416 -11.18 -42.16 17.91
C ASP A 416 -9.84 -41.68 17.37
N GLY A 417 -9.80 -41.00 16.22
CA GLY A 417 -8.55 -40.52 15.68
C GLY A 417 -7.85 -41.46 14.73
N TYR A 418 -8.43 -42.63 14.45
CA TYR A 418 -7.88 -43.58 13.49
C TYR A 418 -8.86 -43.78 12.34
N ASN A 419 -8.39 -44.43 11.28
CA ASN A 419 -9.23 -44.86 10.17
C ASN A 419 -9.98 -43.67 9.56
N GLY A 420 -9.28 -42.54 9.42
CA GLY A 420 -9.86 -41.36 8.78
C GLY A 420 -10.75 -40.52 9.67
N THR A 421 -10.78 -40.76 10.98
CA THR A 421 -11.52 -39.92 11.91
C THR A 421 -10.55 -39.05 12.70
N LEU A 422 -11.09 -38.01 13.31
CA LEU A 422 -10.31 -37.11 14.15
C LEU A 422 -10.80 -37.24 15.59
N ALA A 423 -9.86 -37.30 16.53
CA ALA A 423 -10.20 -37.38 17.95
C ALA A 423 -10.27 -35.98 18.54
N LEU A 424 -11.31 -35.75 19.36
CA LEU A 424 -11.51 -34.52 20.11
C LEU A 424 -11.04 -34.75 21.55
N LEU A 425 -9.95 -34.10 21.93
CA LEU A 425 -9.24 -34.43 23.17
C LEU A 425 -9.00 -33.15 23.97
N LEU A 426 -9.09 -33.25 25.28
CA LEU A 426 -8.69 -32.19 26.17
C LEU A 426 -7.30 -32.49 26.69
N ASN A 427 -6.47 -31.45 26.83
CA ASN A 427 -5.12 -31.71 27.30
C ASN A 427 -5.12 -31.87 28.84
N GLU A 428 -3.93 -32.09 29.41
CA GLU A 428 -3.84 -32.53 30.81
C GLU A 428 -4.52 -31.54 31.74
N ASP A 429 -4.14 -30.26 31.66
CA ASP A 429 -4.67 -29.24 32.57
C ASP A 429 -5.96 -28.61 32.07
N GLY A 430 -6.56 -29.14 31.01
CA GLY A 430 -7.83 -28.62 30.54
C GLY A 430 -7.77 -27.19 30.06
N THR A 431 -6.62 -26.78 29.52
CA THR A 431 -6.49 -25.44 28.95
C THR A 431 -6.70 -25.40 27.43
N LYS A 432 -6.51 -26.51 26.72
CA LYS A 432 -6.65 -26.56 25.28
C LYS A 432 -7.45 -27.79 24.89
N THR A 433 -8.24 -27.67 23.83
CA THR A 433 -8.93 -28.79 23.20
C THR A 433 -8.26 -29.07 21.86
N TYR A 434 -7.96 -30.34 21.60
CA TYR A 434 -7.26 -30.74 20.39
C TYR A 434 -8.19 -31.54 19.49
N LEU A 435 -8.09 -31.31 18.17
CA LEU A 435 -8.55 -32.27 17.15
C LEU A 435 -7.29 -32.96 16.66
N ASP A 437 -5.40 -36.37 14.50
CA ASP A 437 -5.28 -37.61 13.75
C ASP A 437 -4.19 -38.47 14.40
N ARG A 438 -4.61 -39.60 15.00
CA ARG A 438 -3.69 -40.50 15.67
C ARG A 438 -2.86 -41.33 14.71
N GLN A 439 -3.19 -41.33 13.42
CA GLN A 439 -2.47 -42.12 12.44
C GLN A 439 -1.34 -41.30 11.83
N ALA A 440 -0.09 -41.72 12.06
CA ALA A 440 1.03 -41.05 11.41
C ALA A 440 0.99 -41.26 9.90
N ASP A 441 1.38 -40.23 9.12
CA ASP A 441 1.59 -40.42 7.69
C ASP A 441 2.99 -41.00 7.51
N ALA A 442 3.43 -41.13 6.25
CA ALA A 442 4.67 -41.84 5.96
C ALA A 442 5.89 -41.11 6.53
N GLN A 443 5.79 -39.79 6.73
CA GLN A 443 6.86 -39.00 7.31
C GLN A 443 6.79 -38.93 8.83
N GLY A 444 5.85 -39.63 9.46
CA GLY A 444 5.67 -39.56 10.90
C GLY A 444 4.81 -38.42 11.39
N ASN A 445 4.21 -37.64 10.47
CA ASN A 445 3.45 -36.46 10.87
C ASN A 445 2.01 -36.81 11.23
N HIS A 446 1.46 -36.03 12.17
CA HIS A 446 0.06 -36.12 12.60
C HIS A 446 -0.63 -34.78 12.40
N PHE A 447 -1.74 -34.78 11.64
CA PHE A 447 -2.57 -33.59 11.58
C PHE A 447 -3.16 -33.30 12.95
N GLU A 448 -3.07 -32.04 13.38
CA GLU A 448 -3.60 -31.72 14.68
C GLU A 448 -3.89 -30.21 14.72
N ILE A 449 -5.02 -29.84 15.36
CA ILE A 449 -5.35 -28.43 15.63
C ILE A 449 -5.60 -28.24 17.13
N ALA A 450 -5.09 -27.13 17.68
CA ALA A 450 -5.39 -26.73 19.06
C ALA A 450 -6.51 -25.69 19.05
N LEU A 451 -7.53 -25.92 19.87
CA LEU A 451 -8.58 -24.94 20.16
C LEU A 451 -8.39 -24.49 21.60
N ASP A 452 -8.02 -23.23 21.78
CA ASP A 452 -7.79 -22.72 23.13
C ASP A 452 -9.08 -22.75 23.94
N GLY A 453 -8.94 -23.17 25.20
CA GLY A 453 -10.08 -23.38 26.08
C GLY A 453 -10.52 -24.82 26.11
N ASN A 454 -11.58 -25.06 26.88
CA ASN A 454 -12.17 -26.38 27.02
C ASN A 454 -13.45 -26.41 26.21
N LEU A 455 -13.42 -27.13 25.08
CA LEU A 455 -14.60 -27.24 24.23
C LEU A 455 -14.99 -28.70 24.00
N VAL A 456 -14.50 -29.63 24.82
CA VAL A 456 -14.76 -31.04 24.55
C VAL A 456 -16.23 -31.36 24.68
N ASP A 457 -16.99 -30.53 25.40
CA ASP A 457 -18.42 -30.74 25.55
C ASP A 457 -19.28 -29.90 24.62
N SER A 458 -18.84 -28.68 24.28
CA SER A 458 -19.67 -27.81 23.45
C SER A 458 -19.45 -28.01 21.97
N LEU A 459 -18.29 -28.54 21.56
CA LEU A 459 -18.02 -28.75 20.15
C LEU A 459 -18.80 -29.96 19.65
N SER A 460 -19.45 -29.81 18.49
CA SER A 460 -20.25 -30.88 17.90
C SER A 460 -19.85 -31.05 16.43
N ALA A 461 -20.30 -32.17 15.86
CA ALA A 461 -19.93 -32.49 14.48
C ALA A 461 -20.39 -31.41 13.51
N THR A 462 -21.41 -30.63 13.87
CA THR A 462 -21.88 -29.55 13.00
C THR A 462 -21.01 -28.30 13.06
N ASP A 463 -19.95 -28.30 13.88
CA ASP A 463 -18.98 -27.21 13.87
C ASP A 463 -17.79 -27.46 12.95
N ILE A 464 -17.74 -28.61 12.27
CA ILE A 464 -16.65 -28.99 11.37
C ILE A 464 -17.25 -29.40 10.03
N ALA A 465 -16.74 -28.85 8.93
CA ALA A 465 -17.07 -29.34 7.59
C ALA A 465 -16.01 -30.35 7.17
N PHE A 466 -16.42 -31.60 7.02
CA PHE A 466 -15.49 -32.68 6.68
C PHE A 466 -15.44 -32.98 5.17
N ASP A 467 -16.35 -32.44 4.36
CA ASP A 467 -16.29 -32.60 2.91
C ASP A 467 -16.99 -31.40 2.25
N ALA A 468 -16.94 -31.33 0.91
CA ALA A 468 -17.49 -30.19 0.20
C ALA A 468 -18.98 -30.02 0.45
N THR A 469 -19.72 -31.14 0.56
CA THR A 469 -21.16 -31.06 0.80
C THR A 469 -21.45 -30.36 2.11
N GLN A 470 -20.75 -30.78 3.18
CA GLN A 470 -20.92 -30.14 4.48
C GLN A 470 -20.49 -28.68 4.43
N LEU A 471 -19.46 -28.35 3.65
CA LEU A 471 -19.02 -26.96 3.59
C LEU A 471 -20.07 -26.09 2.91
N GLU A 472 -20.66 -26.57 1.82
CA GLU A 472 -21.70 -25.78 1.17
C GLU A 472 -22.86 -25.52 2.12
N LEU A 473 -23.19 -26.50 2.96
CA LEU A 473 -24.29 -26.35 3.91
C LEU A 473 -23.92 -25.49 5.13
N LEU A 474 -22.68 -25.55 5.58
CA LEU A 474 -22.30 -24.94 6.85
C LEU A 474 -21.47 -23.67 6.71
N GLY A 475 -20.97 -23.36 5.52
CA GLY A 475 -20.02 -22.27 5.37
C GLY A 475 -20.56 -20.96 5.90
N THR A 476 -19.75 -20.26 6.69
CA THR A 476 -20.22 -19.05 7.33
C THR A 476 -19.97 -17.81 6.49
N THR A 477 -19.18 -17.92 5.42
CA THR A 477 -18.69 -16.76 4.71
C THR A 477 -19.21 -16.77 3.30
N ASP A 478 -19.06 -15.62 2.65
CA ASP A 478 -19.35 -15.48 1.24
C ASP A 478 -18.05 -15.24 0.45
N LEU A 479 -16.99 -15.99 0.80
CA LEU A 479 -15.68 -15.79 0.18
C LEU A 479 -15.01 -17.10 -0.27
N GLN A 480 -15.71 -18.23 -0.20
CA GLN A 480 -15.16 -19.51 -0.66
C GLN A 480 -15.80 -19.96 -2.00
#